data_8BOJ
#
_entry.id   8BOJ
#
_cell.length_a   24.067
_cell.length_b   49.016
_cell.length_c   68.873
_cell.angle_alpha   90.000
_cell.angle_beta   90.000
_cell.angle_gamma   90.000
#
_symmetry.space_group_name_H-M   'P 21 21 21'
#
loop_
_entity.id
_entity.type
_entity.pdbx_description
1 polymer 'Leucine-rich repeat-containing protein 1'
2 water water
#
_entity_poly.entity_id   1
_entity_poly.type   'polypeptide(L)'
_entity_poly.pdbx_seq_one_letter_code
;GPLGSEVIQALIFKDDGSLGLSISGGVGSSSFKSGDDGIFVSKIAKGGPCDNEGTLKIGDKILSVNEISFTGITHEKAVE
ILKNQDSKYMVVVERS
;
_entity_poly.pdbx_strand_id   A
#
# COMPACT_ATOMS: atom_id res chain seq x y z
N GLY A 1 9.81 -4.55 -23.59
CA GLY A 1 10.22 -5.17 -22.30
C GLY A 1 10.73 -4.31 -21.14
N PRO A 2 10.77 -2.99 -21.28
CA PRO A 2 11.28 -2.17 -20.18
C PRO A 2 10.27 -2.02 -19.06
N LEU A 3 10.78 -1.65 -17.89
CA LEU A 3 9.91 -1.35 -16.76
C LEU A 3 9.26 0.02 -16.95
N GLY A 4 8.01 0.11 -16.55
CA GLY A 4 7.29 1.36 -16.61
C GLY A 4 6.48 1.58 -15.34
N SER A 5 6.24 2.85 -15.04
CA SER A 5 5.57 3.26 -13.81
C SER A 5 4.31 4.05 -14.15
N GLU A 6 3.18 3.60 -13.62
CA GLU A 6 1.93 4.37 -13.65
C GLU A 6 1.62 4.82 -12.24
N VAL A 7 1.38 6.11 -12.07
CA VAL A 7 1.08 6.70 -10.76
C VAL A 7 -0.43 6.76 -10.59
N ILE A 8 -0.92 6.19 -9.50
CA ILE A 8 -2.36 6.01 -9.33
C ILE A 8 -2.75 6.42 -7.92
N GLN A 9 -3.82 7.20 -7.80
CA GLN A 9 -4.37 7.61 -6.51
C GLN A 9 -5.74 6.99 -6.31
N ALA A 10 -6.01 6.54 -5.09
CA ALA A 10 -7.30 5.95 -4.74
C ALA A 10 -7.73 6.46 -3.37
N LEU A 11 -9.01 6.77 -3.23
CA LEU A 11 -9.59 7.14 -1.95
C LEU A 11 -10.46 5.98 -1.49
N ILE A 12 -10.11 5.39 -0.35
CA ILE A 12 -10.76 4.19 0.15
C ILE A 12 -11.26 4.47 1.56
N PHE A 13 -12.50 4.08 1.81
CA PHE A 13 -13.13 4.28 3.12
C PHE A 13 -13.30 2.94 3.82
N LYS A 14 -12.98 2.93 5.10
CA LYS A 14 -13.12 1.72 5.92
C LYS A 14 -14.60 1.43 6.18
N ASP A 15 -15.06 0.28 5.71
CA ASP A 15 -16.43 -0.16 5.98
C ASP A 15 -16.55 -0.88 7.32
N ASP A 16 -15.52 -1.63 7.72
CA ASP A 16 -15.49 -2.28 9.02
C ASP A 16 -14.25 -1.85 9.79
N GLY A 17 -13.25 -2.74 9.90
CA GLY A 17 -12.06 -2.42 10.67
C GLY A 17 -10.74 -2.45 9.93
N SER A 18 -10.78 -2.44 8.60
CA SER A 18 -9.56 -2.59 7.83
C SER A 18 -9.64 -1.84 6.51
N LEU A 19 -8.47 -1.39 6.04
CA LEU A 19 -8.34 -0.90 4.68
C LEU A 19 -8.56 -2.01 3.67
N GLY A 20 -8.37 -3.26 4.07
CA GLY A 20 -8.64 -4.37 3.20
C GLY A 20 -7.52 -4.73 2.26
N LEU A 21 -6.28 -4.39 2.62
CA LEU A 21 -5.11 -4.82 1.87
C LEU A 21 -4.00 -5.11 2.85
N SER A 22 -3.03 -5.89 2.38
CA SER A 22 -1.87 -6.27 3.16
C SER A 22 -0.64 -5.63 2.55
N ILE A 23 0.27 -5.16 3.40
CA ILE A 23 1.51 -4.56 2.94
C ILE A 23 2.68 -5.50 3.21
N SER A 24 3.63 -5.50 2.28
CA SER A 24 4.82 -6.35 2.37
C SER A 24 6.06 -5.54 2.01
N GLY A 25 7.14 -5.80 2.73
CA GLY A 25 8.39 -5.13 2.47
C GLY A 25 8.70 -4.03 3.46
N GLY A 26 9.69 -3.23 3.10
CA GLY A 26 10.16 -2.13 3.94
C GLY A 26 11.65 -2.21 4.17
N VAL A 27 12.19 -1.12 4.72
CA VAL A 27 13.61 -1.03 4.98
C VAL A 27 13.99 -1.95 6.12
N GLY A 28 15.00 -2.80 5.90
CA GLY A 28 15.54 -3.64 6.94
C GLY A 28 14.85 -4.97 7.14
N SER A 29 13.87 -5.31 6.31
CA SER A 29 13.18 -6.59 6.39
C SER A 29 13.24 -7.27 5.02
N SER A 30 12.80 -8.53 4.99
CA SER A 30 12.80 -9.30 3.75
C SER A 30 12.09 -8.53 2.64
N SER A 31 12.80 -8.30 1.54
CA SER A 31 12.27 -7.45 0.48
C SER A 31 11.19 -8.19 -0.31
N PHE A 32 10.10 -7.48 -0.59
CA PHE A 32 9.08 -7.99 -1.52
C PHE A 32 9.73 -8.35 -2.84
N LYS A 33 10.65 -7.52 -3.32
CA LYS A 33 11.40 -7.73 -4.54
C LYS A 33 12.88 -7.54 -4.21
N SER A 34 13.72 -8.46 -4.67
CA SER A 34 15.14 -8.41 -4.37
C SER A 34 15.71 -7.03 -4.66
N GLY A 35 16.40 -6.45 -3.67
CA GLY A 35 17.04 -5.18 -3.81
C GLY A 35 16.13 -3.97 -3.67
N ASP A 36 14.85 -4.19 -3.40
CA ASP A 36 13.86 -3.11 -3.32
C ASP A 36 13.23 -3.13 -1.94
N ASP A 37 13.46 -2.07 -1.17
CA ASP A 37 12.90 -1.98 0.18
C ASP A 37 11.60 -1.18 0.23
N GLY A 38 10.91 -1.06 -0.90
CA GLY A 38 9.60 -0.45 -0.92
C GLY A 38 8.57 -1.28 -0.20
N ILE A 39 7.43 -0.64 0.05
CA ILE A 39 6.26 -1.27 0.65
C ILE A 39 5.25 -1.53 -0.46
N PHE A 40 4.84 -2.78 -0.61
CA PHE A 40 4.00 -3.21 -1.71
C PHE A 40 2.69 -3.83 -1.21
N VAL A 41 1.66 -3.75 -2.05
CA VAL A 41 0.39 -4.42 -1.80
C VAL A 41 0.59 -5.90 -2.13
N SER A 42 0.56 -6.75 -1.12
CA SER A 42 0.76 -8.17 -1.35
C SER A 42 -0.53 -8.99 -1.32
N LYS A 43 -1.64 -8.39 -0.92
CA LYS A 43 -2.91 -9.09 -0.87
C LYS A 43 -4.01 -8.03 -0.79
N ILE A 44 -5.12 -8.28 -1.46
CA ILE A 44 -6.31 -7.44 -1.35
C ILE A 44 -7.44 -8.35 -0.90
N ALA A 45 -8.00 -8.05 0.27
CA ALA A 45 -9.01 -8.91 0.87
C ALA A 45 -10.29 -8.88 0.04
N LYS A 46 -10.77 -10.04 -0.40
CA LYS A 46 -11.96 -10.07 -1.24
C LYS A 46 -13.14 -9.50 -0.47
N GLY A 47 -13.86 -8.58 -1.10
CA GLY A 47 -15.03 -7.98 -0.50
C GLY A 47 -14.75 -6.86 0.48
N GLY A 48 -13.48 -6.54 0.73
CA GLY A 48 -13.12 -5.45 1.59
C GLY A 48 -13.10 -4.12 0.86
N PRO A 49 -12.77 -3.05 1.59
CA PRO A 49 -12.88 -1.71 0.97
C PRO A 49 -12.00 -1.52 -0.25
N CYS A 50 -10.77 -2.03 -0.20
CA CYS A 50 -9.85 -1.85 -1.33
C CYS A 50 -10.35 -2.61 -2.55
N ASP A 51 -10.78 -3.86 -2.36
CA ASP A 51 -11.38 -4.61 -3.45
C ASP A 51 -12.59 -3.88 -4.03
N ASN A 52 -13.49 -3.44 -3.17
CA ASN A 52 -14.74 -2.86 -3.65
C ASN A 52 -14.50 -1.55 -4.38
N GLU A 53 -13.54 -0.73 -3.91
CA GLU A 53 -13.28 0.54 -4.59
C GLU A 53 -12.66 0.31 -5.95
N GLY A 54 -11.82 -0.71 -6.08
CA GLY A 54 -11.46 -1.27 -7.36
C GLY A 54 -10.22 -0.73 -8.04
N THR A 55 -9.58 0.31 -7.49
CA THR A 55 -8.48 0.96 -8.21
C THR A 55 -7.14 0.27 -7.96
N LEU A 56 -6.86 -0.16 -6.74
CA LEU A 56 -5.54 -0.69 -6.45
C LEU A 56 -5.46 -2.16 -6.83
N LYS A 57 -4.22 -2.63 -6.99
CA LYS A 57 -3.93 -3.96 -7.51
C LYS A 57 -2.76 -4.57 -6.74
N ILE A 58 -2.81 -5.89 -6.56
CA ILE A 58 -1.69 -6.64 -6.02
C ILE A 58 -0.43 -6.28 -6.79
N GLY A 59 0.65 -6.01 -6.06
CA GLY A 59 1.92 -5.63 -6.63
C GLY A 59 2.19 -4.14 -6.65
N ASP A 60 1.17 -3.31 -6.45
CA ASP A 60 1.37 -1.88 -6.43
C ASP A 60 2.35 -1.50 -5.32
N LYS A 61 3.24 -0.55 -5.62
CA LYS A 61 4.15 -0.02 -4.62
C LYS A 61 3.50 1.22 -4.00
N ILE A 62 3.36 1.22 -2.67
CA ILE A 62 2.72 2.35 -2.01
C ILE A 62 3.71 3.49 -1.88
N LEU A 63 3.35 4.64 -2.46
CA LEU A 63 4.14 5.86 -2.29
C LEU A 63 3.70 6.65 -1.07
N SER A 64 2.40 6.71 -0.81
CA SER A 64 1.94 7.45 0.35
C SER A 64 0.55 7.01 0.77
N VAL A 65 0.27 7.18 2.06
CA VAL A 65 -1.07 7.02 2.62
C VAL A 65 -1.39 8.29 3.40
N ASN A 66 -2.46 8.97 3.01
CA ASN A 66 -2.84 10.23 3.63
C ASN A 66 -1.65 11.19 3.72
N GLU A 67 -0.91 11.27 2.62
CA GLU A 67 0.22 12.17 2.43
C GLU A 67 1.40 11.85 3.33
N ILE A 68 1.37 10.70 4.00
CA ILE A 68 2.50 10.20 4.76
C ILE A 68 3.31 9.28 3.85
N SER A 69 4.59 9.58 3.68
CA SER A 69 5.42 8.84 2.75
C SER A 69 5.65 7.41 3.23
N PHE A 70 5.50 6.45 2.32
CA PHE A 70 5.86 5.06 2.55
C PHE A 70 7.19 4.69 1.90
N THR A 71 8.00 5.69 1.54
CA THR A 71 9.34 5.47 1.02
C THR A 71 10.36 5.69 2.12
N GLY A 72 11.33 4.79 2.20
CA GLY A 72 12.37 4.90 3.21
C GLY A 72 11.92 4.63 4.63
N ILE A 73 10.86 3.84 4.82
CA ILE A 73 10.38 3.50 6.15
C ILE A 73 10.42 1.99 6.32
N THR A 74 10.51 1.57 7.58
CA THR A 74 10.50 0.15 7.90
C THR A 74 9.09 -0.42 7.78
N HIS A 75 9.01 -1.75 7.71
CA HIS A 75 7.71 -2.41 7.74
C HIS A 75 6.95 -2.07 9.02
N GLU A 76 7.65 -2.09 10.16
CA GLU A 76 7.00 -1.80 11.43
C GLU A 76 6.43 -0.39 11.45
N LYS A 77 7.16 0.58 10.91
CA LYS A 77 6.65 1.94 10.85
C LYS A 77 5.42 2.02 9.95
N ALA A 78 5.42 1.30 8.84
CA ALA A 78 4.26 1.31 7.95
C ALA A 78 3.03 0.73 8.64
N VAL A 79 3.23 -0.36 9.40
CA VAL A 79 2.13 -0.92 10.18
C VAL A 79 1.63 0.10 11.20
N GLU A 80 2.56 0.80 11.87
CA GLU A 80 2.17 1.83 12.82
C GLU A 80 1.32 2.91 12.14
N ILE A 81 1.77 3.39 10.98
CA ILE A 81 1.04 4.43 10.27
C ILE A 81 -0.36 3.94 9.93
N LEU A 82 -0.48 2.72 9.43
CA LEU A 82 -1.81 2.19 9.12
C LEU A 82 -2.67 2.10 10.37
N LYS A 83 -2.08 1.66 11.48
CA LYS A 83 -2.83 1.56 12.73
C LYS A 83 -3.39 2.90 13.16
N ASN A 84 -2.68 3.99 12.87
CA ASN A 84 -3.03 5.31 13.37
C ASN A 84 -3.94 6.10 12.45
N GLN A 85 -4.36 5.53 11.33
CA GLN A 85 -5.35 6.20 10.51
C GLN A 85 -6.75 5.92 11.04
N ASP A 86 -7.72 6.65 10.52
CA ASP A 86 -9.12 6.54 10.94
C ASP A 86 -9.88 5.85 9.81
N SER A 87 -10.97 6.41 9.29
CA SER A 87 -11.79 5.72 8.32
C SER A 87 -11.47 6.07 6.88
N LYS A 88 -10.55 7.00 6.62
CA LYS A 88 -10.29 7.48 5.28
C LYS A 88 -8.82 7.25 4.91
N TYR A 89 -8.59 6.69 3.72
CA TYR A 89 -7.26 6.36 3.23
C TYR A 89 -7.10 6.89 1.81
N MET A 90 -6.35 7.97 1.66
CA MET A 90 -5.94 8.46 0.35
C MET A 90 -4.59 7.84 0.03
N VAL A 91 -4.59 6.88 -0.89
CA VAL A 91 -3.42 6.05 -1.17
C VAL A 91 -2.88 6.42 -2.54
N VAL A 92 -1.58 6.69 -2.63
CA VAL A 92 -0.91 6.87 -3.91
C VAL A 92 0.06 5.71 -4.09
N VAL A 93 -0.02 5.06 -5.26
CA VAL A 93 0.81 3.93 -5.60
C VAL A 93 1.53 4.16 -6.93
N GLU A 94 2.58 3.38 -7.11
CA GLU A 94 3.30 3.25 -8.37
C GLU A 94 3.13 1.82 -8.84
N ARG A 95 2.53 1.66 -10.02
CA ARG A 95 2.28 0.35 -10.62
C ARG A 95 3.32 0.10 -11.70
N SER A 96 4.06 -0.99 -11.55
CA SER A 96 5.15 -1.34 -12.45
C SER A 96 5.25 -2.86 -12.56
#